data_6B9Z
#
_entry.id   6B9Z
#
_cell.length_a   53.490
_cell.length_b   105.290
_cell.length_c   117.150
_cell.angle_alpha   90.00
_cell.angle_beta   90.00
_cell.angle_gamma   90.00
#
_symmetry.space_group_name_H-M   'P 21 21 21'
#
loop_
_entity.id
_entity.type
_entity.pdbx_description
1 polymer 'Trastuzumab Fab light chain'
2 polymer 'Trastuzumab Fab heavy chain'
3 polymer 'Protein L'
4 polymer 'Immunoglobulin G binding protein A'
5 water water
#
loop_
_entity_poly.entity_id
_entity_poly.type
_entity_poly.pdbx_seq_one_letter_code
_entity_poly.pdbx_strand_id
1 'polypeptide(L)'
;DIQMTQSPILLSASVGDRVTITCRASQDVNTAVAWYQQRTNGSPRLLIYSASFLYSGVPSRFSGSRSGTDFTLTISSLQP
EDEADYYCQQHYTTPPTFGAGTKVEIKRTVAAPSVFIFPPSDEQLKSGTASVVCLLNNFYPREAKVQWKVDNALQSGNSQ
ESVTEQDSKDSTYSLSSTLTLSKADYEKHKVYACEVTHQGLSSPVTKSFNRGEC
;
A
2 'polypeptide(L)'
;EVQLVESGGGLVQPGGSLRLSCAASGFNIKDTYIHWVRQSPGKGLEWVARIYPTNGYTRYADSVKGRFTISADTSKNTAY
LQMNSLRAEDTAIYYCSRWGGDGFYAMDYWGQGTLVTVSSASTKGPSVFPLAPSSKSTSGGTAALGCLVKDYFPEPVTVS
WNSGALTSGVHTFP(CSO)VLQSSGLYSLSSVVTVPSSSLGTQTYICNVNHKPSNTKVDKKVEPKSC
;
B
3 'polypeptide(L)' GSEVTIKVNLIFADGKIQTAEFKGTFEEATAEAYRYAALLAKVNGEYTADLEDGGNHMNIKFAG E
4 'polypeptide(L)' GSYNKDQQSAFYEILNMPNLNEAQRNGFIQSLKDDPSQSTNVLGEAKKLNESQA C
#
# COMPACT_ATOMS: atom_id res chain seq x y z
N ASP A 1 6.54 3.40 -25.70
CA ASP A 1 6.17 4.00 -24.42
C ASP A 1 7.36 4.68 -23.77
N ILE A 2 7.09 5.57 -22.83
CA ILE A 2 8.13 6.28 -22.09
C ILE A 2 8.29 5.67 -20.71
N GLN A 3 9.53 5.37 -20.35
CA GLN A 3 9.91 4.83 -19.04
C GLN A 3 10.30 5.97 -18.12
N MET A 4 9.86 5.91 -16.86
CA MET A 4 10.28 6.84 -15.83
C MET A 4 11.06 6.06 -14.77
N THR A 5 12.33 6.41 -14.59
CA THR A 5 13.23 5.68 -13.68
C THR A 5 13.47 6.57 -12.46
N GLN A 6 12.98 6.13 -11.29
CA GLN A 6 13.18 6.90 -10.06
C GLN A 6 14.34 6.33 -9.24
N SER A 7 15.04 7.24 -8.56
CA SER A 7 16.12 6.86 -7.66
C SER A 7 16.21 7.90 -6.55
N PRO A 8 16.75 7.53 -5.38
CA PRO A 8 17.05 6.15 -5.02
C PRO A 8 15.76 5.39 -4.81
N ILE A 9 15.83 4.09 -4.52
CA ILE A 9 14.62 3.35 -4.19
CA ILE A 9 14.60 3.38 -4.21
C ILE A 9 14.19 3.64 -2.76
N LEU A 10 15.16 3.88 -1.87
CA LEU A 10 14.92 4.20 -0.47
C LEU A 10 15.89 5.30 -0.09
N LEU A 11 15.39 6.33 0.59
CA LEU A 11 16.25 7.39 1.12
C LEU A 11 15.84 7.67 2.56
N SER A 12 16.81 7.72 3.48
CA SER A 12 16.54 7.92 4.89
CA SER A 12 16.55 7.93 4.90
C SER A 12 17.30 9.15 5.37
N ALA A 13 16.60 10.07 6.03
CA ALA A 13 17.23 11.31 6.47
C ALA A 13 16.57 11.81 7.74
N SER A 14 17.27 12.70 8.44
CA SER A 14 16.82 13.24 9.71
C SER A 14 15.83 14.37 9.51
N VAL A 15 14.99 14.59 10.54
CA VAL A 15 14.07 15.72 10.52
C VAL A 15 14.86 17.00 10.33
N GLY A 16 14.37 17.86 9.44
CA GLY A 16 15.06 19.11 9.15
C GLY A 16 16.06 19.05 8.02
N ASP A 17 16.43 17.86 7.56
CA ASP A 17 17.37 17.74 6.45
C ASP A 17 16.71 18.13 5.13
N ARG A 18 17.56 18.47 4.16
CA ARG A 18 17.14 18.64 2.78
CA ARG A 18 17.15 18.64 2.78
C ARG A 18 17.30 17.32 2.03
N VAL A 19 16.25 16.86 1.38
CA VAL A 19 16.30 15.59 0.66
C VAL A 19 15.91 15.82 -0.78
N THR A 20 16.52 15.01 -1.65
CA THR A 20 16.38 15.15 -3.08
C THR A 20 16.16 13.77 -3.66
N ILE A 21 15.09 13.62 -4.43
CA ILE A 21 14.84 12.37 -5.14
C ILE A 21 14.65 12.70 -6.62
N THR A 22 14.93 11.70 -7.47
CA THR A 22 15.07 11.99 -8.89
C THR A 22 14.21 11.07 -9.73
N CYS A 23 13.98 11.51 -10.94
CA CYS A 23 13.13 10.77 -11.87
C CYS A 23 13.68 11.06 -13.26
N ARG A 24 14.02 10.02 -14.01
CA ARG A 24 14.61 10.18 -15.33
C ARG A 24 13.66 9.62 -16.39
N ALA A 25 13.32 10.44 -17.38
CA ALA A 25 12.49 10.00 -18.48
C ALA A 25 13.33 9.39 -19.59
N SER A 26 12.81 8.33 -20.22
CA SER A 26 13.59 7.62 -21.23
C SER A 26 13.70 8.39 -22.53
N GLN A 27 12.91 9.44 -22.70
CA GLN A 27 13.00 10.33 -23.85
C GLN A 27 12.34 11.64 -23.43
N ASP A 28 12.43 12.64 -24.31
CA ASP A 28 11.93 13.98 -24.00
C ASP A 28 10.47 13.93 -23.57
N VAL A 29 10.17 14.56 -22.43
CA VAL A 29 8.79 14.71 -21.99
C VAL A 29 8.47 16.17 -21.70
N ASN A 30 9.32 17.07 -22.18
CA ASN A 30 9.14 18.51 -21.97
C ASN A 30 9.06 18.72 -20.46
N THR A 31 8.08 19.46 -19.94
CA THR A 31 7.90 19.63 -18.50
C THR A 31 6.71 18.82 -17.98
N ALA A 32 6.22 17.85 -18.77
CA ALA A 32 4.94 17.18 -18.46
C ALA A 32 5.11 16.07 -17.41
N VAL A 33 5.58 16.47 -16.22
CA VAL A 33 5.87 15.54 -15.14
C VAL A 33 5.25 16.03 -13.84
N ALA A 34 4.56 15.14 -13.13
CA ALA A 34 3.97 15.47 -11.84
C ALA A 34 4.55 14.55 -10.78
N TRP A 35 4.48 15.01 -9.54
CA TRP A 35 4.96 14.26 -8.38
C TRP A 35 3.81 14.03 -7.42
N TYR A 36 3.67 12.79 -6.94
CA TYR A 36 2.62 12.42 -6.01
C TYR A 36 3.24 11.83 -4.77
N GLN A 37 2.61 12.10 -3.62
CA GLN A 37 2.96 11.50 -2.34
C GLN A 37 1.89 10.50 -1.94
N GLN A 38 2.31 9.35 -1.40
CA GLN A 38 1.33 8.38 -0.91
C GLN A 38 1.79 7.84 0.43
N ARG A 39 0.96 7.98 1.45
CA ARG A 39 1.30 7.51 2.79
C ARG A 39 0.03 7.16 3.55
N THR A 40 0.22 6.69 4.78
CA THR A 40 -0.81 6.29 5.75
C THR A 40 -2.00 5.59 5.13
N ASN A 41 -1.74 4.67 4.19
CA ASN A 41 -2.76 3.89 3.50
C ASN A 41 -3.73 4.74 2.69
N GLY A 42 -3.38 5.99 2.38
CA GLY A 42 -4.26 6.88 1.66
C GLY A 42 -4.05 6.86 0.14
N SER A 43 -4.84 7.70 -0.53
CA SER A 43 -4.73 7.87 -1.96
CA SER A 43 -4.73 7.86 -1.97
C SER A 43 -3.55 8.78 -2.31
N PRO A 44 -3.03 8.68 -3.52
CA PRO A 44 -1.94 9.57 -3.93
C PRO A 44 -2.37 11.04 -3.83
N ARG A 45 -1.43 11.88 -3.39
CA ARG A 45 -1.65 13.31 -3.25
C ARG A 45 -0.74 14.06 -4.21
N LEU A 46 -1.31 14.94 -5.03
CA LEU A 46 -0.51 15.75 -5.94
C LEU A 46 0.31 16.78 -5.16
N LEU A 47 1.63 16.79 -5.39
CA LEU A 47 2.51 17.80 -4.83
C LEU A 47 2.94 18.85 -5.84
N ILE A 48 3.48 18.38 -6.98
CA ILE A 48 4.10 19.22 -8.00
CA ILE A 48 4.04 19.26 -7.99
C ILE A 48 3.52 18.84 -9.35
N TYR A 49 3.20 19.82 -10.18
CA TYR A 49 2.76 19.53 -11.54
C TYR A 49 3.58 20.36 -12.53
N SER A 50 3.60 19.91 -13.78
CA SER A 50 4.39 20.55 -14.84
C SER A 50 5.83 20.80 -14.38
N ALA A 51 6.40 19.79 -13.71
CA ALA A 51 7.81 19.71 -13.30
C ALA A 51 8.16 20.59 -12.10
N SER A 52 7.61 21.80 -12.02
CA SER A 52 8.12 22.74 -11.03
C SER A 52 7.06 23.57 -10.30
N PHE A 53 5.78 23.34 -10.55
CA PHE A 53 4.76 24.20 -9.95
C PHE A 53 4.11 23.50 -8.76
N LEU A 54 4.01 24.24 -7.66
CA LEU A 54 3.51 23.70 -6.41
C LEU A 54 1.99 23.72 -6.42
N TYR A 55 1.37 22.58 -6.16
CA TYR A 55 -0.09 22.55 -6.14
C TYR A 55 -0.62 23.29 -4.91
N SER A 56 -1.79 23.90 -5.07
CA SER A 56 -2.39 24.68 -3.99
CA SER A 56 -2.38 24.68 -3.98
C SER A 56 -2.50 23.85 -2.72
N GLY A 57 -2.13 24.45 -1.59
CA GLY A 57 -2.21 23.80 -0.31
C GLY A 57 -1.03 22.93 0.07
N VAL A 58 -0.11 22.67 -0.86
CA VAL A 58 1.06 21.83 -0.56
C VAL A 58 2.11 22.69 0.14
N PRO A 59 2.70 22.20 1.24
CA PRO A 59 3.68 23.02 1.97
C PRO A 59 4.80 23.51 1.06
N SER A 60 5.27 24.72 1.34
CA SER A 60 6.30 25.33 0.51
C SER A 60 7.65 24.63 0.60
N ARG A 61 7.82 23.68 1.53
CA ARG A 61 9.11 22.98 1.57
C ARG A 61 9.29 22.01 0.41
N PHE A 62 8.23 21.75 -0.37
CA PHE A 62 8.33 20.89 -1.55
C PHE A 62 8.62 21.75 -2.77
N SER A 63 9.56 21.29 -3.61
CA SER A 63 9.90 21.99 -4.85
C SER A 63 10.34 20.95 -5.88
N GLY A 64 10.17 21.29 -7.15
CA GLY A 64 10.58 20.42 -8.22
C GLY A 64 11.35 21.20 -9.27
N SER A 65 12.23 20.50 -9.99
CA SER A 65 12.99 21.12 -11.07
CA SER A 65 13.01 21.11 -11.05
C SER A 65 13.21 20.10 -12.17
N ARG A 66 13.63 20.61 -13.33
CA ARG A 66 13.87 19.81 -14.53
C ARG A 66 15.21 20.21 -15.15
N SER A 67 15.96 19.22 -15.61
CA SER A 67 17.16 19.44 -16.42
C SER A 67 17.13 18.40 -17.53
N GLY A 68 16.68 18.79 -18.71
CA GLY A 68 16.58 17.83 -19.81
C GLY A 68 15.53 16.77 -19.49
N THR A 69 15.96 15.51 -19.43
CA THR A 69 15.04 14.43 -19.08
C THR A 69 15.15 14.04 -17.61
N ASP A 70 15.90 14.81 -16.81
CA ASP A 70 16.09 14.56 -15.40
C ASP A 70 15.20 15.48 -14.57
N PHE A 71 14.44 14.91 -13.67
CA PHE A 71 13.49 15.64 -12.84
C PHE A 71 13.84 15.39 -11.38
N THR A 72 13.68 16.41 -10.55
CA THR A 72 14.02 16.31 -9.14
CA THR A 72 14.04 16.34 -9.15
C THR A 72 12.88 16.83 -8.29
N LEU A 73 12.64 16.15 -7.19
CA LEU A 73 11.73 16.60 -6.14
C LEU A 73 12.60 16.84 -4.92
N THR A 74 12.54 18.05 -4.35
CA THR A 74 13.32 18.36 -3.17
C THR A 74 12.39 18.74 -2.03
N ILE A 75 12.64 18.18 -0.85
CA ILE A 75 12.01 18.61 0.39
C ILE A 75 13.06 19.36 1.19
N SER A 76 12.84 20.64 1.42
CA SER A 76 13.92 21.48 1.93
C SER A 76 14.16 21.30 3.42
N SER A 77 13.17 20.82 4.18
CA SER A 77 13.30 20.67 5.63
C SER A 77 12.37 19.51 6.03
N LEU A 78 12.93 18.32 6.02
CA LEU A 78 12.13 17.10 6.11
C LEU A 78 11.37 17.05 7.42
N GLN A 79 10.08 16.73 7.34
CA GLN A 79 9.25 16.63 8.52
C GLN A 79 8.84 15.19 8.74
N PRO A 80 8.52 14.80 9.98
CA PRO A 80 8.12 13.41 10.25
C PRO A 80 6.95 12.96 9.40
N GLU A 81 5.97 13.85 9.18
CA GLU A 81 4.81 13.47 8.37
C GLU A 81 5.14 13.41 6.88
N ASP A 82 6.39 13.62 6.49
CA ASP A 82 6.78 13.46 5.10
C ASP A 82 7.22 12.04 4.77
N GLU A 83 7.28 11.14 5.76
CA GLU A 83 7.58 9.74 5.43
C GLU A 83 6.48 9.22 4.51
N ALA A 84 6.87 8.67 3.37
CA ALA A 84 5.89 8.33 2.35
C ALA A 84 6.60 7.67 1.17
N ASP A 85 5.78 7.15 0.26
CA ASP A 85 6.23 6.81 -1.08
C ASP A 85 5.97 8.01 -1.97
N TYR A 86 6.93 8.29 -2.86
CA TYR A 86 6.82 9.40 -3.80
C TYR A 86 6.92 8.86 -5.22
N TYR A 87 5.99 9.29 -6.10
CA TYR A 87 5.90 8.79 -7.46
C TYR A 87 5.95 9.95 -8.44
N CYS A 88 6.74 9.81 -9.50
CA CYS A 88 6.63 10.75 -10.61
C CYS A 88 5.79 10.12 -11.72
N GLN A 89 5.22 10.99 -12.57
CA GLN A 89 4.36 10.54 -13.66
C GLN A 89 4.50 11.49 -14.85
N GLN A 90 4.72 10.95 -16.06
CA GLN A 90 4.72 11.79 -17.25
C GLN A 90 3.37 11.69 -17.97
N HIS A 91 2.91 12.81 -18.55
CA HIS A 91 1.72 12.81 -19.38
C HIS A 91 2.04 13.29 -20.79
N TYR A 92 3.32 13.29 -21.17
CA TYR A 92 3.70 13.78 -22.49
C TYR A 92 3.15 12.88 -23.60
N THR A 93 3.20 11.56 -23.41
CA THR A 93 2.60 10.64 -24.38
C THR A 93 1.71 9.63 -23.67
N THR A 94 0.78 9.08 -24.44
CA THR A 94 -0.05 7.99 -23.96
C THR A 94 0.62 6.67 -24.27
N PRO A 95 0.69 5.72 -23.31
CA PRO A 95 0.14 5.79 -21.95
C PRO A 95 0.94 6.70 -21.03
N PRO A 96 0.26 7.46 -20.19
CA PRO A 96 0.96 8.12 -19.09
C PRO A 96 1.59 7.04 -18.21
N THR A 97 2.83 7.26 -17.80
CA THR A 97 3.53 6.24 -17.06
C THR A 97 4.07 6.82 -15.76
N PHE A 98 4.16 5.94 -14.77
CA PHE A 98 4.64 6.28 -13.44
C PHE A 98 6.05 5.72 -13.23
N GLY A 99 6.85 6.45 -12.47
CA GLY A 99 8.03 5.85 -11.86
C GLY A 99 7.64 4.79 -10.86
N ALA A 100 8.60 3.93 -10.51
CA ALA A 100 8.33 2.83 -9.60
C ALA A 100 8.29 3.25 -8.13
N GLY A 101 8.65 4.48 -7.81
CA GLY A 101 8.48 5.00 -6.47
C GLY A 101 9.80 5.10 -5.72
N THR A 102 9.88 6.11 -4.86
CA THR A 102 10.96 6.24 -3.90
C THR A 102 10.35 6.32 -2.51
N LYS A 103 10.83 5.49 -1.60
CA LYS A 103 10.36 5.57 -0.22
C LYS A 103 11.29 6.47 0.58
N VAL A 104 10.73 7.44 1.31
CA VAL A 104 11.47 8.31 2.22
C VAL A 104 11.13 7.90 3.64
N GLU A 105 12.19 7.59 4.40
CA GLU A 105 12.06 7.23 5.81
CA GLU A 105 12.16 7.16 5.81
C GLU A 105 12.76 8.28 6.66
N ILE A 106 12.28 8.45 7.90
CA ILE A 106 12.88 9.43 8.83
C ILE A 106 13.90 8.72 9.72
N LYS A 107 15.10 9.28 9.78
CA LYS A 107 16.12 8.88 10.75
C LYS A 107 15.91 9.62 12.06
N ARG A 108 16.06 8.92 13.18
CA ARG A 108 15.91 9.53 14.49
C ARG A 108 16.75 8.77 15.50
N THR A 109 16.73 9.23 16.75
CA THR A 109 17.53 8.58 17.78
C THR A 109 17.01 7.18 18.08
N VAL A 110 17.92 6.33 18.55
CA VAL A 110 17.55 4.96 18.88
C VAL A 110 16.57 4.95 20.05
N ALA A 111 15.59 4.05 19.99
CA ALA A 111 14.62 3.84 21.05
C ALA A 111 14.35 2.35 21.18
N ALA A 112 14.63 1.80 22.36
CA ALA A 112 14.34 0.41 22.62
C ALA A 112 12.82 0.18 22.69
N PRO A 113 12.36 -0.99 22.28
CA PRO A 113 10.91 -1.27 22.32
C PRO A 113 10.44 -1.64 23.71
N SER A 114 9.16 -1.36 23.97
CA SER A 114 8.44 -2.03 25.05
C SER A 114 8.01 -3.40 24.55
N VAL A 115 8.26 -4.46 25.34
CA VAL A 115 7.99 -5.82 24.88
C VAL A 115 6.90 -6.42 25.75
N PHE A 116 5.81 -6.86 25.11
CA PHE A 116 4.68 -7.46 25.80
C PHE A 116 4.34 -8.77 25.12
N ILE A 117 3.68 -9.66 25.86
CA ILE A 117 3.28 -10.94 25.32
C ILE A 117 1.86 -11.24 25.74
N PHE A 118 1.11 -11.88 24.82
CA PHE A 118 -0.30 -12.20 25.02
C PHE A 118 -0.50 -13.69 24.78
N PRO A 119 -0.90 -14.46 25.78
CA PRO A 119 -1.32 -15.86 25.55
C PRO A 119 -2.53 -15.91 24.65
N PRO A 120 -2.86 -17.08 24.10
CA PRO A 120 -4.14 -17.21 23.40
C PRO A 120 -5.30 -16.99 24.36
N SER A 121 -6.38 -16.42 23.83
CA SER A 121 -7.58 -16.24 24.64
C SER A 121 -8.29 -17.57 24.85
N ASP A 122 -9.03 -17.66 25.95
CA ASP A 122 -9.82 -18.87 26.17
CA ASP A 122 -9.82 -18.87 26.18
C ASP A 122 -10.88 -19.06 25.10
N GLU A 123 -11.41 -17.95 24.56
CA GLU A 123 -12.35 -18.06 23.43
C GLU A 123 -11.70 -18.79 22.26
N GLN A 124 -10.50 -18.37 21.85
CA GLN A 124 -9.84 -19.01 20.71
C GLN A 124 -9.54 -20.47 21.02
N LEU A 125 -9.04 -20.75 22.23
CA LEU A 125 -8.75 -22.12 22.61
C LEU A 125 -9.98 -23.03 22.52
N LYS A 126 -11.19 -22.47 22.60
CA LYS A 126 -12.37 -23.31 22.38
C LYS A 126 -12.43 -23.83 20.95
N SER A 127 -11.83 -23.12 20.00
CA SER A 127 -11.59 -23.67 18.67
C SER A 127 -10.34 -24.56 18.75
N GLY A 128 -9.79 -24.94 17.60
CA GLY A 128 -8.68 -25.86 17.65
C GLY A 128 -7.31 -25.24 17.43
N THR A 129 -7.17 -23.93 17.63
CA THR A 129 -5.94 -23.22 17.29
C THR A 129 -5.58 -22.26 18.41
N ALA A 130 -4.27 -22.03 18.58
CA ALA A 130 -3.73 -21.13 19.60
C ALA A 130 -2.81 -20.12 18.94
N SER A 131 -3.08 -18.84 19.15
CA SER A 131 -2.25 -17.76 18.67
C SER A 131 -1.60 -17.07 19.86
N VAL A 132 -0.27 -16.97 19.84
CA VAL A 132 0.48 -16.27 20.87
C VAL A 132 1.13 -15.06 20.24
N VAL A 133 0.92 -13.89 20.83
CA VAL A 133 1.32 -12.62 20.21
C VAL A 133 2.39 -11.96 21.06
N CYS A 134 3.50 -11.62 20.42
CA CYS A 134 4.58 -10.83 21.01
C CYS A 134 4.55 -9.45 20.36
N LEU A 135 4.54 -8.40 21.19
CA LEU A 135 4.37 -7.03 20.69
C LEU A 135 5.60 -6.21 21.08
N LEU A 136 6.20 -5.56 20.09
CA LEU A 136 7.30 -4.62 20.29
C LEU A 136 6.76 -3.23 19.96
N ASN A 137 6.69 -2.36 20.97
CA ASN A 137 6.00 -1.09 20.80
C ASN A 137 6.96 0.08 20.74
N ASN A 138 6.83 0.88 19.69
CA ASN A 138 7.37 2.25 19.60
C ASN A 138 8.89 2.25 19.73
N PHE A 139 9.54 1.64 18.74
CA PHE A 139 10.99 1.52 18.74
C PHE A 139 11.61 2.06 17.45
N TYR A 140 12.93 2.28 17.50
CA TYR A 140 13.68 2.75 16.34
C TYR A 140 15.11 2.31 16.55
N PRO A 141 15.80 1.79 15.52
CA PRO A 141 15.34 1.61 14.13
C PRO A 141 14.46 0.38 13.94
N ARG A 142 14.03 0.17 12.70
CA ARG A 142 13.06 -0.88 12.40
C ARG A 142 13.65 -2.28 12.63
N GLU A 143 14.97 -2.45 12.44
CA GLU A 143 15.57 -3.77 12.55
C GLU A 143 15.42 -4.34 13.95
N ALA A 144 14.96 -5.59 14.03
CA ALA A 144 14.77 -6.26 15.31
C ALA A 144 14.67 -7.75 15.05
N LYS A 145 15.17 -8.53 16.00
CA LYS A 145 15.13 -9.98 15.91
C LYS A 145 14.21 -10.50 17.02
N VAL A 146 13.21 -11.28 16.63
CA VAL A 146 12.21 -11.80 17.57
C VAL A 146 12.18 -13.30 17.38
N GLN A 147 12.59 -14.04 18.40
CA GLN A 147 12.64 -15.49 18.34
C GLN A 147 11.69 -16.07 19.37
N TRP A 148 11.00 -17.13 18.97
CA TRP A 148 10.09 -17.83 19.85
C TRP A 148 10.77 -19.07 20.42
N LYS A 149 10.53 -19.32 21.70
CA LYS A 149 10.96 -20.55 22.35
C LYS A 149 9.78 -21.15 23.09
N VAL A 150 9.49 -22.41 22.82
CA VAL A 150 8.44 -23.16 23.51
C VAL A 150 9.11 -24.26 24.31
N ASP A 151 8.98 -24.20 25.63
CA ASP A 151 9.72 -25.09 26.53
C ASP A 151 11.20 -25.10 26.16
N ASN A 152 11.73 -23.91 25.87
CA ASN A 152 13.13 -23.64 25.54
C ASN A 152 13.54 -24.21 24.19
N ALA A 153 12.61 -24.65 23.36
CA ALA A 153 12.92 -25.16 22.03
C ALA A 153 12.71 -24.03 21.03
N LEU A 154 13.79 -23.63 20.36
CA LEU A 154 13.69 -22.57 19.37
C LEU A 154 12.72 -22.94 18.27
N GLN A 155 11.75 -22.06 18.01
CA GLN A 155 10.70 -22.31 17.03
C GLN A 155 11.12 -21.78 15.66
N SER A 156 10.74 -22.51 14.62
CA SER A 156 11.08 -22.10 13.27
C SER A 156 9.92 -22.43 12.33
N GLY A 157 9.50 -21.46 11.53
CA GLY A 157 8.52 -21.68 10.50
C GLY A 157 7.06 -21.57 10.92
N ASN A 158 6.78 -21.27 12.18
CA ASN A 158 5.41 -21.21 12.68
C ASN A 158 5.06 -19.84 13.26
N SER A 159 5.75 -18.79 12.83
CA SER A 159 5.43 -17.44 13.26
C SER A 159 5.48 -16.49 12.06
N GLN A 160 4.73 -15.40 12.16
CA GLN A 160 4.73 -14.34 11.16
C GLN A 160 4.82 -12.98 11.86
N GLU A 161 5.53 -12.04 11.22
CA GLU A 161 5.74 -10.70 11.73
C GLU A 161 4.99 -9.68 10.89
N SER A 162 4.51 -8.63 11.55
CA SER A 162 3.88 -7.49 10.91
C SER A 162 4.43 -6.22 11.57
N VAL A 163 4.70 -5.19 10.77
CA VAL A 163 5.28 -3.94 11.27
CA VAL A 163 5.29 -3.94 11.27
C VAL A 163 4.42 -2.77 10.81
N THR A 164 4.18 -1.81 11.70
CA THR A 164 3.41 -0.65 11.33
C THR A 164 4.22 0.30 10.45
N GLU A 165 3.51 1.20 9.78
CA GLU A 165 4.13 2.32 9.09
C GLU A 165 4.81 3.24 10.11
N GLN A 166 5.93 3.83 9.72
CA GLN A 166 6.64 4.75 10.61
C GLN A 166 5.68 5.83 11.14
N ASP A 167 5.73 6.08 12.45
CA ASP A 167 4.73 6.94 13.07
C ASP A 167 4.84 8.37 12.56
N SER A 168 3.68 9.00 12.35
CA SER A 168 3.63 10.33 11.73
C SER A 168 4.23 11.41 12.61
N LYS A 169 4.29 11.21 13.92
CA LYS A 169 4.76 12.21 14.86
C LYS A 169 6.12 11.89 15.46
N ASP A 170 6.34 10.66 15.94
CA ASP A 170 7.60 10.35 16.61
C ASP A 170 8.48 9.41 15.81
N SER A 171 8.06 9.01 14.61
CA SER A 171 8.91 8.27 13.67
C SER A 171 9.35 6.91 14.20
N THR A 172 8.60 6.32 15.14
CA THR A 172 8.90 4.98 15.61
C THR A 172 8.11 3.94 14.84
N TYR A 173 8.48 2.68 15.03
CA TYR A 173 7.80 1.50 14.49
C TYR A 173 7.20 0.69 15.64
N SER A 174 6.22 -0.14 15.31
CA SER A 174 5.76 -1.16 16.23
C SER A 174 5.67 -2.46 15.44
N LEU A 175 5.89 -3.57 16.14
CA LEU A 175 5.96 -4.86 15.47
C LEU A 175 5.23 -5.91 16.28
N SER A 176 4.49 -6.79 15.58
CA SER A 176 3.88 -7.95 16.19
C SER A 176 4.52 -9.20 15.60
N SER A 177 4.77 -10.18 16.47
CA SER A 177 5.12 -11.53 16.03
C SER A 177 4.08 -12.48 16.59
N THR A 178 3.44 -13.26 15.71
CA THR A 178 2.37 -14.16 16.10
C THR A 178 2.80 -15.60 15.87
N LEU A 179 2.88 -16.36 16.94
CA LEU A 179 3.12 -17.80 16.89
C LEU A 179 1.79 -18.54 16.84
N THR A 180 1.63 -19.44 15.87
CA THR A 180 0.39 -20.18 15.69
C THR A 180 0.64 -21.67 15.89
N LEU A 181 -0.16 -22.28 16.76
CA LEU A 181 -0.08 -23.70 17.08
C LEU A 181 -1.48 -24.27 17.12
N SER A 182 -1.57 -25.58 16.94
CA SER A 182 -2.81 -26.27 17.25
C SER A 182 -3.06 -26.23 18.75
N LYS A 183 -4.34 -26.22 19.13
CA LYS A 183 -4.69 -26.31 20.55
C LYS A 183 -4.00 -27.49 21.21
N ALA A 184 -3.98 -28.65 20.52
CA ALA A 184 -3.36 -29.84 21.09
C ALA A 184 -1.88 -29.61 21.39
N ASP A 185 -1.16 -28.96 20.48
CA ASP A 185 0.25 -28.65 20.73
C ASP A 185 0.40 -27.62 21.83
N TYR A 186 -0.45 -26.59 21.84
CA TYR A 186 -0.33 -25.56 22.86
C TYR A 186 -0.52 -26.13 24.26
N GLU A 187 -1.47 -27.05 24.42
CA GLU A 187 -1.74 -27.64 25.72
C GLU A 187 -0.73 -28.74 26.08
N LYS A 188 0.19 -29.06 25.18
CA LYS A 188 1.24 -30.03 25.42
C LYS A 188 2.46 -29.40 26.11
N HIS A 189 2.65 -28.09 25.99
CA HIS A 189 3.83 -27.43 26.50
C HIS A 189 3.46 -26.36 27.51
N LYS A 190 4.47 -25.90 28.25
CA LYS A 190 4.25 -25.01 29.39
C LYS A 190 4.78 -23.59 29.18
N VAL A 191 6.04 -23.43 28.80
CA VAL A 191 6.67 -22.12 28.79
C VAL A 191 6.70 -21.56 27.37
N TYR A 192 6.13 -20.37 27.19
CA TYR A 192 6.07 -19.68 25.91
C TYR A 192 6.80 -18.36 26.06
N ALA A 193 7.82 -18.15 25.24
CA ALA A 193 8.72 -17.00 25.40
C ALA A 193 9.07 -16.42 24.04
N CYS A 194 9.07 -15.10 23.94
CA CYS A 194 9.66 -14.42 22.79
C CYS A 194 10.84 -13.62 23.28
N GLU A 195 11.97 -13.77 22.59
CA GLU A 195 13.21 -13.10 22.92
C GLU A 195 13.47 -12.04 21.87
N VAL A 196 13.69 -10.80 22.33
CA VAL A 196 13.78 -9.64 21.45
C VAL A 196 15.20 -9.10 21.50
N THR A 197 15.84 -9.00 20.33
CA THR A 197 17.15 -8.36 20.20
C THR A 197 17.00 -7.08 19.40
N HIS A 198 17.53 -5.97 19.92
CA HIS A 198 17.36 -4.67 19.29
C HIS A 198 18.49 -3.76 19.72
N GLN A 199 18.87 -2.85 18.82
CA GLN A 199 20.02 -1.99 19.03
C GLN A 199 19.89 -1.17 20.30
N GLY A 200 18.67 -0.78 20.68
CA GLY A 200 18.45 0.03 21.86
C GLY A 200 18.55 -0.72 23.17
N LEU A 201 18.57 -2.05 23.13
CA LEU A 201 18.60 -2.88 24.33
C LEU A 201 20.03 -3.33 24.62
N SER A 202 20.47 -3.18 25.87
CA SER A 202 21.86 -3.52 26.18
C SER A 202 22.11 -5.02 26.10
N SER A 203 21.07 -5.84 26.22
CA SER A 203 21.15 -7.26 25.90
C SER A 203 19.73 -7.74 25.61
N PRO A 204 19.57 -8.93 25.01
CA PRO A 204 18.24 -9.35 24.56
C PRO A 204 17.26 -9.44 25.72
N VAL A 205 16.00 -9.17 25.41
CA VAL A 205 14.91 -9.19 26.38
C VAL A 205 14.02 -10.38 26.09
N THR A 206 13.71 -11.17 27.11
CA THR A 206 12.81 -12.29 26.98
C THR A 206 11.53 -11.98 27.76
N LYS A 207 10.39 -12.05 27.09
CA LYS A 207 9.09 -11.99 27.75
C LYS A 207 8.44 -13.36 27.63
N SER A 208 7.91 -13.88 28.74
CA SER A 208 7.40 -15.24 28.72
C SER A 208 6.22 -15.39 29.67
N PHE A 209 5.48 -16.48 29.48
CA PHE A 209 4.44 -16.88 30.43
C PHE A 209 4.41 -18.40 30.46
N ASN A 210 3.82 -18.93 31.54
CA ASN A 210 3.48 -20.33 31.66
C ASN A 210 2.01 -20.51 31.31
N ARG A 211 1.71 -21.47 30.44
CA ARG A 211 0.32 -21.78 30.15
C ARG A 211 -0.43 -22.06 31.44
N GLY A 212 -1.57 -21.39 31.61
CA GLY A 212 -2.41 -21.60 32.77
C GLY A 212 -2.16 -20.64 33.91
N GLU A 213 -1.03 -19.93 33.92
CA GLU A 213 -0.79 -18.92 34.94
C GLU A 213 -1.78 -17.76 34.76
N CYS A 214 -2.11 -17.11 35.86
CA CYS A 214 -2.94 -15.91 35.78
C CYS A 214 -2.07 -14.67 35.61
N GLU B 1 -16.46 21.39 -2.43
CA GLU B 1 -15.21 20.65 -2.57
C GLU B 1 -15.31 19.64 -3.71
N VAL B 2 -14.20 19.45 -4.43
CA VAL B 2 -14.13 18.37 -5.41
C VAL B 2 -14.04 17.05 -4.67
N GLN B 3 -14.78 16.04 -5.13
CA GLN B 3 -14.66 14.72 -4.56
C GLN B 3 -14.96 13.67 -5.62
N LEU B 4 -14.23 12.55 -5.55
CA LEU B 4 -14.49 11.37 -6.35
C LEU B 4 -14.64 10.18 -5.40
N VAL B 5 -15.63 9.32 -5.66
CA VAL B 5 -15.90 8.18 -4.78
C VAL B 5 -16.07 6.94 -5.64
N GLU B 6 -15.14 5.99 -5.53
CA GLU B 6 -15.24 4.73 -6.25
C GLU B 6 -16.08 3.74 -5.47
N SER B 7 -16.75 2.85 -6.22
CA SER B 7 -17.52 1.78 -5.61
C SER B 7 -17.57 0.62 -6.59
N GLY B 8 -17.97 -0.56 -6.07
CA GLY B 8 -18.14 -1.72 -6.92
C GLY B 8 -17.05 -2.77 -6.83
N GLY B 9 -15.96 -2.50 -6.12
CA GLY B 9 -14.93 -3.51 -5.96
C GLY B 9 -15.41 -4.68 -5.12
N GLY B 10 -14.80 -5.84 -5.35
CA GLY B 10 -15.12 -7.01 -4.56
C GLY B 10 -14.36 -8.22 -5.07
N LEU B 11 -14.71 -9.37 -4.52
CA LEU B 11 -14.08 -10.63 -4.86
C LEU B 11 -14.73 -11.24 -6.09
N VAL B 12 -13.93 -11.61 -7.10
CA VAL B 12 -14.43 -12.28 -8.29
CA VAL B 12 -14.39 -12.23 -8.34
C VAL B 12 -13.51 -13.43 -8.65
N GLN B 13 -14.11 -14.47 -9.24
CA GLN B 13 -13.28 -15.59 -9.67
C GLN B 13 -12.55 -15.23 -10.96
N PRO B 14 -11.40 -15.85 -11.21
CA PRO B 14 -10.73 -15.65 -12.51
C PRO B 14 -11.70 -15.94 -13.65
N GLY B 15 -11.65 -15.08 -14.67
CA GLY B 15 -12.60 -15.18 -15.78
C GLY B 15 -13.89 -14.44 -15.55
N GLY B 16 -14.09 -13.87 -14.36
CA GLY B 16 -15.35 -13.22 -14.02
C GLY B 16 -15.38 -11.76 -14.43
N SER B 17 -16.50 -11.10 -14.08
CA SER B 17 -16.77 -9.72 -14.47
C SER B 17 -17.16 -8.89 -13.25
N LEU B 18 -16.77 -7.62 -13.28
CA LEU B 18 -17.09 -6.65 -12.23
C LEU B 18 -17.28 -5.29 -12.90
N ARG B 19 -18.12 -4.45 -12.29
CA ARG B 19 -18.30 -3.08 -12.80
C ARG B 19 -18.03 -2.10 -11.67
N LEU B 20 -17.07 -1.20 -11.88
CA LEU B 20 -16.75 -0.16 -10.93
C LEU B 20 -17.42 1.14 -11.35
N SER B 21 -17.77 1.95 -10.36
CA SER B 21 -18.33 3.29 -10.56
C SER B 21 -17.45 4.32 -9.88
N CYS B 22 -17.45 5.54 -10.43
CA CYS B 22 -16.67 6.67 -9.91
C CYS B 22 -17.63 7.84 -9.91
N ALA B 23 -18.18 8.18 -8.74
CA ALA B 23 -19.18 9.25 -8.64
C ALA B 23 -18.48 10.56 -8.30
N ALA B 24 -18.64 11.56 -9.14
CA ALA B 24 -17.95 12.82 -8.94
C ALA B 24 -18.90 13.87 -8.39
N SER B 25 -18.38 14.77 -7.56
CA SER B 25 -19.18 15.89 -7.07
C SER B 25 -18.26 17.10 -6.91
N GLY B 26 -18.88 18.28 -6.86
CA GLY B 26 -18.12 19.52 -6.73
C GLY B 26 -17.47 19.99 -8.02
N PHE B 27 -17.64 19.25 -9.11
CA PHE B 27 -17.20 19.66 -10.44
C PHE B 27 -17.96 18.79 -11.43
N ASN B 28 -17.89 19.14 -12.71
CA ASN B 28 -18.55 18.41 -13.77
CA ASN B 28 -18.55 18.41 -13.77
C ASN B 28 -17.50 17.62 -14.56
N ILE B 29 -17.71 16.31 -14.68
CA ILE B 29 -16.76 15.50 -15.44
C ILE B 29 -16.77 15.86 -16.91
N LYS B 30 -17.79 16.59 -17.37
CA LYS B 30 -17.79 17.10 -18.73
C LYS B 30 -16.64 18.08 -18.96
N ASP B 31 -16.03 18.59 -17.90
CA ASP B 31 -14.99 19.61 -18.02
C ASP B 31 -13.59 19.05 -17.87
N THR B 32 -13.42 17.75 -17.65
CA THR B 32 -12.11 17.19 -17.36
C THR B 32 -11.95 15.85 -18.06
N TYR B 33 -10.73 15.32 -17.99
CA TYR B 33 -10.51 13.90 -18.23
C TYR B 33 -10.73 13.14 -16.92
N ILE B 34 -11.19 11.89 -17.05
CA ILE B 34 -11.32 10.98 -15.92
C ILE B 34 -10.42 9.77 -16.22
N HIS B 35 -9.63 9.37 -15.23
CA HIS B 35 -8.70 8.26 -15.37
C HIS B 35 -9.03 7.19 -14.35
N TRP B 36 -8.72 5.93 -14.68
CA TRP B 36 -8.58 4.87 -13.70
C TRP B 36 -7.11 4.50 -13.57
N VAL B 37 -6.65 4.35 -12.32
CA VAL B 37 -5.27 4.02 -11.98
C VAL B 37 -5.34 2.95 -10.90
N ARG B 38 -4.53 1.90 -11.03
CA ARG B 38 -4.63 0.80 -10.07
C ARG B 38 -3.29 0.56 -9.40
N GLN B 39 -3.36 -0.13 -8.26
CA GLN B 39 -2.18 -0.37 -7.44
C GLN B 39 -2.30 -1.75 -6.82
N SER B 40 -1.43 -2.67 -7.25
CA SER B 40 -1.40 -3.99 -6.64
C SER B 40 -0.85 -3.88 -5.23
N PRO B 41 -1.27 -4.77 -4.32
CA PRO B 41 -0.84 -4.68 -2.92
C PRO B 41 0.67 -4.61 -2.76
N GLY B 42 1.15 -3.52 -2.15
CA GLY B 42 2.56 -3.33 -1.93
C GLY B 42 3.37 -2.91 -3.13
N LYS B 43 2.74 -2.59 -4.26
CA LYS B 43 3.45 -2.21 -5.47
C LYS B 43 3.11 -0.77 -5.83
N GLY B 44 3.48 -0.37 -7.04
CA GLY B 44 3.36 1.02 -7.46
C GLY B 44 2.05 1.27 -8.18
N LEU B 45 1.97 2.46 -8.77
CA LEU B 45 0.78 2.91 -9.48
C LEU B 45 0.90 2.53 -10.95
N GLU B 46 -0.22 2.05 -11.52
CA GLU B 46 -0.26 1.65 -12.93
C GLU B 46 -1.49 2.25 -13.60
N TRP B 47 -1.29 3.00 -14.67
CA TRP B 47 -2.42 3.62 -15.36
C TRP B 47 -3.24 2.55 -16.08
N VAL B 48 -4.57 2.69 -16.04
CA VAL B 48 -5.49 1.70 -16.59
C VAL B 48 -6.21 2.23 -17.84
N ALA B 49 -6.85 3.40 -17.73
CA ALA B 49 -7.66 3.92 -18.84
C ALA B 49 -8.03 5.37 -18.55
N ARG B 50 -8.45 6.07 -19.60
CA ARG B 50 -8.98 7.42 -19.43
C ARG B 50 -10.09 7.67 -20.43
N ILE B 51 -10.93 8.65 -20.10
CA ILE B 51 -12.00 9.10 -20.98
C ILE B 51 -12.08 10.62 -20.90
N TYR B 52 -12.49 11.25 -21.99
CA TYR B 52 -12.90 12.65 -21.97
C TYR B 52 -14.41 12.67 -22.15
N PRO B 53 -15.19 12.81 -21.07
CA PRO B 53 -16.64 12.61 -21.20
C PRO B 53 -17.33 13.55 -22.18
N THR B 54 -16.78 14.74 -22.45
CA THR B 54 -17.46 15.64 -23.38
C THR B 54 -17.55 15.06 -24.80
N ASN B 55 -16.55 14.27 -25.23
CA ASN B 55 -16.61 13.71 -26.57
C ASN B 55 -16.42 12.20 -26.64
N GLY B 56 -16.30 11.53 -25.51
CA GLY B 56 -16.26 10.07 -25.47
C GLY B 56 -14.95 9.44 -25.87
N TYR B 57 -13.91 10.24 -26.12
CA TYR B 57 -12.60 9.70 -26.49
C TYR B 57 -12.00 8.88 -25.33
N THR B 58 -11.58 7.65 -25.63
CA THR B 58 -11.02 6.78 -24.61
C THR B 58 -9.64 6.27 -25.03
N ARG B 59 -8.83 5.91 -24.03
CA ARG B 59 -7.54 5.24 -24.24
C ARG B 59 -7.35 4.21 -23.14
N TYR B 60 -6.60 3.15 -23.45
CA TYR B 60 -6.47 2.00 -22.55
C TYR B 60 -5.02 1.57 -22.44
N ALA B 61 -4.65 1.06 -21.26
CA ALA B 61 -3.40 0.34 -21.14
C ALA B 61 -3.46 -0.93 -21.98
N ASP B 62 -2.32 -1.31 -22.56
CA ASP B 62 -2.27 -2.54 -23.36
C ASP B 62 -2.70 -3.75 -22.56
N SER B 63 -2.38 -3.79 -21.26
CA SER B 63 -2.64 -4.98 -20.47
C SER B 63 -4.12 -5.22 -20.20
N VAL B 64 -4.99 -4.23 -20.48
CA VAL B 64 -6.41 -4.37 -20.21
C VAL B 64 -7.27 -4.19 -21.46
N LYS B 65 -6.70 -3.77 -22.58
CA LYS B 65 -7.46 -3.51 -23.80
C LYS B 65 -8.33 -4.70 -24.18
N GLY B 66 -9.60 -4.45 -24.46
CA GLY B 66 -10.53 -5.49 -24.83
C GLY B 66 -11.19 -6.17 -23.65
N ARG B 67 -10.52 -6.23 -22.51
CA ARG B 67 -11.11 -6.83 -21.33
C ARG B 67 -11.84 -5.81 -20.45
N PHE B 68 -11.33 -4.58 -20.39
CA PHE B 68 -11.96 -3.49 -19.64
C PHE B 68 -12.47 -2.42 -20.60
N THR B 69 -13.59 -1.78 -20.24
CA THR B 69 -14.06 -0.61 -20.97
C THR B 69 -14.38 0.51 -19.98
N ILE B 70 -14.01 1.72 -20.36
CA ILE B 70 -14.30 2.90 -19.54
C ILE B 70 -15.43 3.65 -20.23
N SER B 71 -16.29 4.27 -19.42
CA SER B 71 -17.42 4.99 -19.97
C SER B 71 -17.82 6.06 -18.96
N ALA B 72 -18.68 6.97 -19.38
CA ALA B 72 -19.13 8.01 -18.47
C ALA B 72 -20.56 8.37 -18.79
N ASP B 73 -21.32 8.69 -17.75
CA ASP B 73 -22.67 9.23 -17.89
C ASP B 73 -22.64 10.64 -17.32
N THR B 74 -22.66 11.66 -18.19
CA THR B 74 -22.53 13.02 -17.67
C THR B 74 -23.77 13.45 -16.91
N SER B 75 -24.95 12.91 -17.25
CA SER B 75 -26.17 13.28 -16.53
C SER B 75 -26.12 12.83 -15.07
N LYS B 76 -25.36 11.77 -14.77
CA LYS B 76 -25.14 11.32 -13.39
C LYS B 76 -23.77 11.73 -12.86
N ASN B 77 -22.96 12.44 -13.64
CA ASN B 77 -21.63 12.86 -13.22
C ASN B 77 -20.81 11.67 -12.71
N THR B 78 -20.89 10.55 -13.40
CA THR B 78 -20.29 9.30 -12.95
C THR B 78 -19.55 8.65 -14.11
N ALA B 79 -18.38 8.08 -13.81
CA ALA B 79 -17.64 7.27 -14.78
C ALA B 79 -17.64 5.82 -14.32
N TYR B 80 -17.34 4.92 -15.25
CA TYR B 80 -17.47 3.49 -14.97
C TYR B 80 -16.28 2.75 -15.56
N LEU B 81 -16.00 1.58 -15.00
CA LEU B 81 -15.02 0.66 -15.57
C LEU B 81 -15.61 -0.74 -15.54
N GLN B 82 -16.02 -1.23 -16.72
CA GLN B 82 -16.45 -2.62 -16.85
C GLN B 82 -15.20 -3.49 -16.95
N MET B 83 -15.16 -4.57 -16.16
CA MET B 83 -13.97 -5.41 -16.11
C MET B 83 -14.41 -6.83 -16.40
N ASN B 84 -14.02 -7.35 -17.56
CA ASN B 84 -14.33 -8.73 -17.93
C ASN B 84 -13.05 -9.56 -18.03
N SER B 85 -13.23 -10.87 -18.12
CA SER B 85 -12.10 -11.80 -18.29
C SER B 85 -10.99 -11.51 -17.28
N LEU B 86 -11.39 -11.32 -16.03
CA LEU B 86 -10.48 -10.91 -14.97
C LEU B 86 -9.45 -11.99 -14.69
N ARG B 87 -8.26 -11.55 -14.28
CA ARG B 87 -7.15 -12.43 -13.98
C ARG B 87 -6.59 -12.05 -12.62
N ALA B 88 -5.86 -13.00 -12.02
CA ALA B 88 -5.31 -12.79 -10.68
C ALA B 88 -4.48 -11.52 -10.61
N GLU B 89 -3.71 -11.23 -11.67
CA GLU B 89 -2.86 -10.05 -11.68
C GLU B 89 -3.65 -8.75 -11.80
N ASP B 90 -4.97 -8.82 -12.02
CA ASP B 90 -5.79 -7.63 -11.96
C ASP B 90 -6.14 -7.25 -10.51
N THR B 91 -5.79 -8.09 -9.54
CA THR B 91 -6.06 -7.78 -8.13
C THR B 91 -5.33 -6.49 -7.74
N ALA B 92 -6.08 -5.52 -7.23
CA ALA B 92 -5.52 -4.19 -7.00
C ALA B 92 -6.57 -3.30 -6.35
N ILE B 93 -6.10 -2.22 -5.78
CA ILE B 93 -6.97 -1.08 -5.50
C ILE B 93 -7.11 -0.28 -6.79
N TYR B 94 -8.35 0.05 -7.15
CA TYR B 94 -8.63 0.83 -8.35
C TYR B 94 -9.04 2.23 -7.90
N TYR B 95 -8.24 3.23 -8.29
CA TYR B 95 -8.55 4.63 -8.05
C TYR B 95 -9.10 5.29 -9.32
N CYS B 96 -10.03 6.19 -9.14
CA CYS B 96 -10.45 7.13 -10.17
CA CYS B 96 -10.34 7.10 -10.22
C CYS B 96 -9.82 8.49 -9.87
N SER B 97 -9.43 9.22 -10.91
CA SER B 97 -8.88 10.55 -10.73
C SER B 97 -9.34 11.44 -11.88
N ARG B 98 -9.25 12.75 -11.67
CA ARG B 98 -9.50 13.70 -12.74
C ARG B 98 -8.19 14.33 -13.19
N TRP B 99 -8.20 14.84 -14.40
CA TRP B 99 -7.01 15.45 -15.00
C TRP B 99 -7.49 16.61 -15.86
N GLY B 100 -6.78 17.74 -15.79
CA GLY B 100 -7.19 18.90 -16.53
C GLY B 100 -8.24 19.74 -15.84
N GLY B 101 -8.60 19.42 -14.60
CA GLY B 101 -9.58 20.21 -13.89
C GLY B 101 -9.01 21.56 -13.50
N ASP B 102 -9.78 22.62 -13.70
CA ASP B 102 -9.36 23.99 -13.39
C ASP B 102 -8.04 24.35 -14.08
N GLY B 103 -7.69 23.65 -15.17
CA GLY B 103 -6.48 23.95 -15.90
C GLY B 103 -5.24 23.31 -15.34
N PHE B 104 -5.36 22.40 -14.37
CA PHE B 104 -4.20 21.73 -13.79
C PHE B 104 -3.94 20.45 -14.56
N TYR B 105 -2.79 20.39 -15.20
CA TYR B 105 -2.44 19.25 -16.05
C TYR B 105 -1.73 18.17 -15.22
N ALA B 106 -2.47 17.69 -14.22
CA ALA B 106 -2.05 16.60 -13.35
C ALA B 106 -3.28 16.04 -12.66
N MET B 107 -3.11 14.92 -11.96
CA MET B 107 -4.23 14.27 -11.29
C MET B 107 -4.35 14.88 -9.90
N ASP B 108 -5.14 15.96 -9.79
CA ASP B 108 -5.14 16.72 -8.56
C ASP B 108 -6.14 16.19 -7.53
N TYR B 109 -7.14 15.41 -7.96
CA TYR B 109 -8.05 14.76 -7.03
C TYR B 109 -8.19 13.30 -7.40
N TRP B 110 -8.22 12.45 -6.37
CA TRP B 110 -8.32 11.01 -6.47
C TRP B 110 -9.42 10.55 -5.54
N GLY B 111 -10.04 9.42 -5.86
CA GLY B 111 -10.96 8.81 -4.92
C GLY B 111 -10.22 8.06 -3.84
N GLN B 112 -10.99 7.43 -2.95
CA GLN B 112 -10.37 6.64 -1.88
C GLN B 112 -9.94 5.26 -2.37
N GLY B 113 -10.40 4.84 -3.53
CA GLY B 113 -10.06 3.56 -4.11
C GLY B 113 -11.04 2.47 -3.70
N THR B 114 -11.21 1.50 -4.59
CA THR B 114 -12.07 0.34 -4.34
C THR B 114 -11.27 -0.91 -4.70
N LEU B 115 -11.32 -1.91 -3.81
CA LEU B 115 -10.44 -3.07 -3.91
C LEU B 115 -11.08 -4.17 -4.75
N VAL B 116 -10.34 -4.65 -5.74
CA VAL B 116 -10.76 -5.76 -6.60
C VAL B 116 -9.86 -6.95 -6.31
N THR B 117 -10.45 -8.08 -5.94
CA THR B 117 -9.69 -9.29 -5.62
C THR B 117 -10.11 -10.38 -6.60
N VAL B 118 -9.16 -10.92 -7.34
CA VAL B 118 -9.45 -11.95 -8.33
C VAL B 118 -8.84 -13.25 -7.82
N SER B 119 -9.70 -14.18 -7.40
CA SER B 119 -9.26 -15.36 -6.69
C SER B 119 -10.35 -16.41 -6.73
N SER B 120 -9.95 -17.68 -6.75
CA SER B 120 -10.89 -18.79 -6.66
CA SER B 120 -10.91 -18.77 -6.66
C SER B 120 -11.35 -19.06 -5.24
N ALA B 121 -10.72 -18.44 -4.24
CA ALA B 121 -11.05 -18.73 -2.85
C ALA B 121 -12.37 -18.07 -2.47
N SER B 122 -13.02 -18.65 -1.46
CA SER B 122 -14.33 -18.20 -1.02
C SER B 122 -14.23 -17.14 0.07
N THR B 123 -15.24 -16.27 0.11
CA THR B 123 -15.37 -15.31 1.20
C THR B 123 -15.46 -16.02 2.54
N LYS B 124 -14.80 -15.45 3.55
CA LYS B 124 -14.85 -16.02 4.89
C LYS B 124 -14.76 -14.89 5.90
N GLY B 125 -15.72 -14.83 6.82
CA GLY B 125 -15.72 -13.83 7.86
C GLY B 125 -14.71 -14.15 8.94
N PRO B 126 -14.26 -13.13 9.65
CA PRO B 126 -13.21 -13.32 10.66
C PRO B 126 -13.76 -13.77 12.01
N SER B 127 -12.86 -14.29 12.82
CA SER B 127 -13.09 -14.50 14.24
C SER B 127 -12.31 -13.45 15.00
N VAL B 128 -12.94 -12.82 16.00
CA VAL B 128 -12.31 -11.74 16.76
C VAL B 128 -12.04 -12.24 18.17
N PHE B 129 -10.77 -12.20 18.58
CA PHE B 129 -10.41 -12.66 19.90
C PHE B 129 -9.78 -11.53 20.68
N PRO B 130 -10.01 -11.47 21.99
CA PRO B 130 -9.37 -10.44 22.81
C PRO B 130 -7.87 -10.69 22.98
N LEU B 131 -7.12 -9.60 23.03
CA LEU B 131 -5.75 -9.60 23.55
C LEU B 131 -5.84 -8.88 24.89
N ALA B 132 -6.13 -9.64 25.94
CA ALA B 132 -6.48 -9.03 27.22
C ALA B 132 -5.26 -8.39 27.87
N PRO B 133 -5.42 -7.21 28.47
CA PRO B 133 -4.30 -6.66 29.25
C PRO B 133 -4.02 -7.54 30.45
N SER B 134 -2.76 -7.61 30.83
CA SER B 134 -2.35 -8.44 31.95
C SER B 134 -1.05 -7.88 32.52
N SER B 135 -0.53 -8.54 33.56
CA SER B 135 0.77 -8.18 34.09
C SER B 135 1.88 -8.36 33.07
N LYS B 136 1.63 -9.09 31.99
CA LYS B 136 2.59 -9.31 30.92
C LYS B 136 2.47 -8.32 29.78
N SER B 137 1.52 -7.37 29.85
CA SER B 137 1.36 -6.36 28.81
C SER B 137 1.40 -4.95 29.39
N THR B 138 2.06 -4.77 30.54
CA THR B 138 2.10 -3.46 31.19
C THR B 138 3.52 -3.12 31.63
N SER B 139 3.87 -1.86 31.47
CA SER B 139 5.12 -1.34 32.02
C SER B 139 4.99 0.18 32.14
N GLY B 140 5.69 0.74 33.13
CA GLY B 140 5.72 2.18 33.30
C GLY B 140 4.37 2.82 33.49
N GLY B 141 3.40 2.06 34.00
CA GLY B 141 2.09 2.61 34.28
C GLY B 141 1.14 2.65 33.11
N THR B 142 1.52 2.09 31.96
CA THR B 142 0.63 1.98 30.83
C THR B 142 0.46 0.50 30.46
N ALA B 143 -0.68 0.17 29.87
CA ALA B 143 -1.01 -1.20 29.57
C ALA B 143 -1.40 -1.32 28.10
N ALA B 144 -1.04 -2.44 27.49
CA ALA B 144 -1.41 -2.73 26.11
C ALA B 144 -2.50 -3.79 26.10
N LEU B 145 -3.47 -3.61 25.22
CA LEU B 145 -4.52 -4.59 25.01
C LEU B 145 -4.92 -4.49 23.54
N GLY B 146 -5.69 -5.45 23.07
CA GLY B 146 -5.98 -5.43 21.66
C GLY B 146 -7.01 -6.46 21.28
N CYS B 147 -7.17 -6.59 19.96
CA CYS B 147 -8.03 -7.59 19.35
C CYS B 147 -7.28 -8.27 18.23
N LEU B 148 -7.36 -9.59 18.21
CA LEU B 148 -6.83 -10.42 17.14
C LEU B 148 -7.99 -10.76 16.20
N VAL B 149 -7.85 -10.38 14.93
CA VAL B 149 -8.89 -10.57 13.92
C VAL B 149 -8.37 -11.66 12.99
N LYS B 150 -8.91 -12.88 13.10
CA LYS B 150 -8.24 -14.02 12.48
C LYS B 150 -9.08 -14.68 11.40
N ASP B 151 -8.39 -15.13 10.34
CA ASP B 151 -8.92 -16.05 9.34
C ASP B 151 -10.07 -15.48 8.51
N TYR B 152 -9.81 -14.41 7.76
CA TYR B 152 -10.82 -13.84 6.87
C TYR B 152 -10.29 -13.76 5.44
N PHE B 153 -11.25 -13.64 4.50
CA PHE B 153 -10.93 -13.48 3.09
C PHE B 153 -12.15 -12.93 2.39
N PRO B 154 -12.01 -11.97 1.47
CA PRO B 154 -10.75 -11.31 1.11
C PRO B 154 -10.49 -10.14 2.03
N GLU B 155 -9.51 -9.31 1.67
CA GLU B 155 -9.35 -8.01 2.29
C GLU B 155 -10.55 -7.12 1.93
N PRO B 156 -10.78 -6.02 2.67
CA PRO B 156 -10.09 -5.59 3.88
C PRO B 156 -10.90 -5.78 5.18
N VAL B 157 -10.21 -5.61 6.29
CA VAL B 157 -10.80 -5.49 7.62
C VAL B 157 -10.43 -4.13 8.16
N THR B 158 -11.39 -3.43 8.75
CA THR B 158 -11.11 -2.19 9.46
C THR B 158 -11.40 -2.40 10.94
N VAL B 159 -10.61 -1.73 11.79
CA VAL B 159 -10.79 -1.79 13.24
C VAL B 159 -10.79 -0.38 13.77
N SER B 160 -11.79 -0.05 14.58
CA SER B 160 -11.79 1.16 15.38
C SER B 160 -11.89 0.76 16.85
N TRP B 161 -11.64 1.73 17.73
CA TRP B 161 -11.73 1.51 19.17
C TRP B 161 -12.74 2.47 19.76
N ASN B 162 -13.67 1.94 20.56
CA ASN B 162 -14.70 2.73 21.22
C ASN B 162 -15.42 3.63 20.22
N SER B 163 -15.77 3.04 19.07
CA SER B 163 -16.56 3.70 18.03
C SER B 163 -15.85 4.93 17.46
N GLY B 164 -14.52 4.89 17.44
CA GLY B 164 -13.72 6.00 16.96
C GLY B 164 -13.34 7.02 18.00
N ALA B 165 -13.86 6.90 19.22
CA ALA B 165 -13.55 7.84 20.28
C ALA B 165 -12.13 7.67 20.80
N LEU B 166 -11.53 6.50 20.62
CA LEU B 166 -10.18 6.21 21.08
C LEU B 166 -9.29 6.03 19.85
N THR B 167 -8.35 6.96 19.65
CA THR B 167 -7.46 6.89 18.50
C THR B 167 -6.00 7.00 18.91
N SER B 168 -5.73 7.71 20.00
CA SER B 168 -4.36 7.86 20.47
C SER B 168 -3.82 6.53 20.98
N GLY B 169 -2.58 6.21 20.58
CA GLY B 169 -1.93 4.99 21.03
C GLY B 169 -2.40 3.72 20.37
N VAL B 170 -3.18 3.82 19.30
CA VAL B 170 -3.68 2.65 18.58
C VAL B 170 -2.68 2.26 17.51
N HIS B 171 -2.35 0.97 17.45
CA HIS B 171 -1.56 0.40 16.36
C HIS B 171 -2.37 -0.74 15.75
N THR B 172 -2.88 -0.54 14.55
CA THR B 172 -3.57 -1.58 13.81
C THR B 172 -2.61 -2.09 12.74
N PHE B 173 -2.17 -3.32 12.91
CA PHE B 173 -1.10 -3.84 12.07
C PHE B 173 -1.64 -4.18 10.68
N PRO B 174 -0.78 -4.11 9.65
CA PRO B 174 -1.22 -4.58 8.32
C PRO B 174 -1.61 -6.02 8.42
N CSO B 175 -2.56 -6.41 7.60
CA CSO B 175 -3.01 -7.81 7.56
CB CSO B 175 -4.34 -7.96 6.84
SG CSO B 175 -4.86 -6.63 5.73
C CSO B 175 -1.92 -8.65 6.92
O CSO B 175 -1.17 -8.19 6.04
OD CSO B 175 -6.38 -6.48 5.81
N CYS B 175 -2.60 -6.40 7.64
CA CYS B 175 -2.99 -7.80 7.56
C CYS B 175 -1.82 -8.62 7.03
N VAL B 176 -1.82 -9.89 7.38
CA VAL B 176 -0.83 -10.86 6.95
C VAL B 176 -1.59 -12.01 6.29
N LEU B 177 -1.07 -12.47 5.16
CA LEU B 177 -1.59 -13.68 4.52
C LEU B 177 -0.99 -14.90 5.21
N GLN B 178 -1.84 -15.74 5.79
CA GLN B 178 -1.34 -16.92 6.47
C GLN B 178 -1.13 -18.05 5.47
N SER B 179 -0.45 -19.10 5.94
CA SER B 179 -0.20 -20.27 5.10
C SER B 179 -1.50 -20.89 4.61
N SER B 180 -2.56 -20.77 5.41
CA SER B 180 -3.89 -21.28 5.05
C SER B 180 -4.50 -20.53 3.87
N GLY B 181 -3.91 -19.43 3.43
CA GLY B 181 -4.54 -18.58 2.45
C GLY B 181 -5.57 -17.62 3.01
N LEU B 182 -5.70 -17.54 4.33
CA LEU B 182 -6.58 -16.61 4.99
C LEU B 182 -5.77 -15.49 5.63
N TYR B 183 -6.41 -14.34 5.82
CA TYR B 183 -5.72 -13.20 6.42
C TYR B 183 -5.98 -13.11 7.90
N SER B 184 -5.07 -12.41 8.58
CA SER B 184 -5.26 -12.08 9.98
CA SER B 184 -5.26 -12.09 9.98
C SER B 184 -4.57 -10.76 10.25
N LEU B 185 -5.02 -10.09 11.29
CA LEU B 185 -4.32 -8.91 11.78
C LEU B 185 -4.66 -8.74 13.24
N SER B 186 -3.86 -7.92 13.92
CA SER B 186 -4.16 -7.50 15.26
C SER B 186 -4.22 -5.98 15.31
N SER B 187 -5.06 -5.46 16.19
CA SER B 187 -5.06 -4.05 16.52
C SER B 187 -4.81 -3.94 18.02
N VAL B 188 -3.86 -3.09 18.42
CA VAL B 188 -3.53 -2.94 19.82
C VAL B 188 -3.62 -1.47 20.20
N VAL B 189 -3.89 -1.21 21.47
CA VAL B 189 -3.93 0.15 21.99
C VAL B 189 -3.26 0.15 23.35
N THR B 190 -2.49 1.21 23.63
CA THR B 190 -1.86 1.41 24.92
CA THR B 190 -1.85 1.41 24.92
C THR B 190 -2.63 2.46 25.71
N VAL B 191 -2.97 2.13 26.96
CA VAL B 191 -3.82 2.98 27.79
C VAL B 191 -3.23 3.07 29.18
N PRO B 192 -3.67 4.05 29.98
CA PRO B 192 -3.23 4.10 31.38
C PRO B 192 -3.63 2.83 32.11
N SER B 193 -2.67 2.25 32.84
CA SER B 193 -2.96 1.06 33.63
CA SER B 193 -2.97 1.06 33.63
C SER B 193 -4.12 1.32 34.60
N SER B 194 -4.16 2.53 35.18
CA SER B 194 -5.20 2.86 36.15
C SER B 194 -6.60 2.86 35.54
N SER B 195 -6.70 2.88 34.20
CA SER B 195 -8.00 2.92 33.55
C SER B 195 -8.60 1.55 33.33
N LEU B 196 -7.83 0.48 33.54
CA LEU B 196 -8.35 -0.86 33.32
C LEU B 196 -9.44 -1.20 34.34
N GLY B 197 -10.61 -1.59 33.85
CA GLY B 197 -11.71 -1.94 34.72
C GLY B 197 -12.66 -0.81 35.04
N THR B 198 -12.27 0.43 34.78
CA THR B 198 -13.18 1.57 34.87
C THR B 198 -13.55 2.13 33.51
N GLN B 199 -12.61 2.15 32.57
CA GLN B 199 -12.89 2.57 31.20
C GLN B 199 -13.12 1.33 30.34
N THR B 200 -14.27 1.30 29.66
CA THR B 200 -14.58 0.23 28.73
C THR B 200 -13.77 0.38 27.44
N TYR B 201 -13.21 -0.72 26.96
CA TYR B 201 -12.49 -0.74 25.69
C TYR B 201 -13.12 -1.79 24.80
N ILE B 202 -13.60 -1.35 23.63
CA ILE B 202 -14.25 -2.22 22.66
C ILE B 202 -13.59 -2.00 21.30
N CYS B 203 -13.17 -3.08 20.65
CA CYS B 203 -12.71 -2.96 19.26
C CYS B 203 -13.88 -3.24 18.33
N ASN B 204 -14.08 -2.34 17.36
CA ASN B 204 -15.16 -2.44 16.40
C ASN B 204 -14.56 -2.97 15.10
N VAL B 205 -14.88 -4.21 14.75
CA VAL B 205 -14.29 -4.89 13.61
C VAL B 205 -15.35 -4.97 12.51
N ASN B 206 -14.98 -4.54 11.31
CA ASN B 206 -15.87 -4.61 10.16
CA ASN B 206 -15.86 -4.60 10.15
C ASN B 206 -15.17 -5.37 9.05
N HIS B 207 -15.82 -6.42 8.55
CA HIS B 207 -15.38 -7.15 7.37
C HIS B 207 -16.58 -7.09 6.43
N LYS B 208 -16.64 -6.01 5.67
CA LYS B 208 -17.77 -5.82 4.76
C LYS B 208 -17.93 -6.94 3.72
N PRO B 209 -16.86 -7.51 3.14
CA PRO B 209 -17.06 -8.60 2.17
C PRO B 209 -17.90 -9.76 2.67
N SER B 210 -17.93 -10.01 3.98
CA SER B 210 -18.81 -11.05 4.53
C SER B 210 -19.95 -10.46 5.36
N ASN B 211 -20.17 -9.15 5.29
CA ASN B 211 -21.18 -8.46 6.10
C ASN B 211 -20.99 -8.74 7.59
N THR B 212 -19.74 -8.77 8.04
CA THR B 212 -19.40 -9.04 9.43
C THR B 212 -19.15 -7.74 10.18
N LYS B 213 -19.93 -7.50 11.23
CA LYS B 213 -19.70 -6.41 12.18
C LYS B 213 -19.61 -7.03 13.58
N VAL B 214 -18.46 -6.92 14.21
CA VAL B 214 -18.22 -7.46 15.54
C VAL B 214 -17.69 -6.36 16.44
N ASP B 215 -18.33 -6.18 17.61
CA ASP B 215 -17.88 -5.29 18.67
C ASP B 215 -17.42 -6.16 19.82
N LYS B 216 -16.12 -6.13 20.13
CA LYS B 216 -15.56 -7.04 21.12
C LYS B 216 -15.07 -6.24 22.32
N LYS B 217 -15.66 -6.51 23.48
CA LYS B 217 -15.22 -5.89 24.73
C LYS B 217 -14.00 -6.62 25.25
N VAL B 218 -12.93 -5.88 25.52
CA VAL B 218 -11.66 -6.45 25.94
C VAL B 218 -11.43 -6.03 27.39
N GLU B 219 -11.28 -7.00 28.27
CA GLU B 219 -11.09 -6.72 29.69
C GLU B 219 -10.01 -7.64 30.24
N PRO B 220 -9.43 -7.29 31.40
CA PRO B 220 -8.47 -8.19 32.02
C PRO B 220 -9.11 -9.54 32.36
N LYS B 221 -8.27 -10.56 32.43
CA LYS B 221 -8.74 -11.90 32.76
C LYS B 221 -8.73 -12.18 34.26
N SER C 2 21.33 -11.29 -11.37
CA SER C 2 20.51 -11.14 -10.18
C SER C 2 20.27 -9.67 -9.89
N GLU C 3 19.34 -9.39 -8.99
CA GLU C 3 19.09 -8.03 -8.51
C GLU C 3 19.78 -7.85 -7.17
N VAL C 4 20.56 -6.77 -7.05
CA VAL C 4 21.27 -6.48 -5.81
C VAL C 4 20.83 -5.13 -5.30
N THR C 5 21.16 -4.88 -4.04
CA THR C 5 20.92 -3.60 -3.38
C THR C 5 22.27 -3.00 -3.01
N ILE C 6 22.56 -1.83 -3.56
CA ILE C 6 23.74 -1.08 -3.16
CA ILE C 6 23.74 -1.08 -3.16
C ILE C 6 23.30 -0.08 -2.08
N LYS C 7 23.94 -0.17 -0.91
CA LYS C 7 23.63 0.72 0.20
C LYS C 7 24.67 1.83 0.24
N VAL C 8 24.21 3.06 0.41
CA VAL C 8 25.07 4.24 0.30
C VAL C 8 24.91 5.09 1.55
N ASN C 9 26.02 5.48 2.16
CA ASN C 9 26.05 6.54 3.15
C ASN C 9 26.37 7.85 2.43
N LEU C 10 25.49 8.83 2.59
CA LEU C 10 25.71 10.16 2.05
C LEU C 10 26.16 11.06 3.21
N ILE C 11 27.41 11.50 3.16
CA ILE C 11 28.03 12.22 4.27
C ILE C 11 28.29 13.64 3.79
N PHE C 12 27.58 14.59 4.38
CA PHE C 12 27.66 15.96 3.91
C PHE C 12 28.71 16.73 4.69
N ALA C 13 29.12 17.87 4.13
CA ALA C 13 30.25 18.62 4.70
C ALA C 13 29.95 19.11 6.11
N ASP C 14 28.69 19.40 6.42
CA ASP C 14 28.33 19.81 7.76
C ASP C 14 28.15 18.64 8.71
N GLY C 15 28.48 17.42 8.30
CA GLY C 15 28.41 16.27 9.16
C GLY C 15 27.08 15.54 9.14
N LYS C 16 26.06 16.09 8.47
CA LYS C 16 24.80 15.37 8.36
C LYS C 16 24.99 14.12 7.53
N ILE C 17 24.27 13.06 7.89
CA ILE C 17 24.36 11.78 7.20
C ILE C 17 22.98 11.33 6.80
N GLN C 18 22.82 10.98 5.52
CA GLN C 18 21.65 10.31 4.99
C GLN C 18 22.08 8.95 4.45
N THR C 19 21.12 8.04 4.31
CA THR C 19 21.41 6.76 3.68
C THR C 19 20.42 6.50 2.56
N ALA C 20 20.88 5.77 1.56
CA ALA C 20 20.08 5.51 0.38
C ALA C 20 20.34 4.08 -0.08
N GLU C 21 19.39 3.53 -0.81
CA GLU C 21 19.55 2.23 -1.45
C GLU C 21 19.25 2.34 -2.94
N PHE C 22 20.09 1.70 -3.74
CA PHE C 22 19.88 1.59 -5.18
C PHE C 22 19.77 0.11 -5.52
N LYS C 23 18.81 -0.23 -6.37
CA LYS C 23 18.52 -1.62 -6.69
CA LYS C 23 18.52 -1.62 -6.69
C LYS C 23 18.50 -1.81 -8.19
N GLY C 24 18.90 -3.01 -8.62
CA GLY C 24 18.99 -3.34 -10.03
C GLY C 24 20.01 -4.43 -10.21
N THR C 25 20.45 -4.63 -11.44
CA THR C 25 21.68 -5.41 -11.59
C THR C 25 22.80 -4.64 -10.91
N PHE C 26 23.89 -5.35 -10.60
CA PHE C 26 25.00 -4.66 -9.94
C PHE C 26 25.45 -3.45 -10.75
N GLU C 27 25.53 -3.61 -12.07
CA GLU C 27 26.02 -2.52 -12.93
C GLU C 27 25.02 -1.38 -13.01
N GLU C 28 23.72 -1.69 -13.06
CA GLU C 28 22.71 -0.64 -13.06
C GLU C 28 22.70 0.11 -11.73
N ALA C 29 22.74 -0.61 -10.62
CA ALA C 29 22.66 0.06 -9.33
C ALA C 29 23.90 0.92 -9.09
N THR C 30 25.05 0.42 -9.53
CA THR C 30 26.29 1.19 -9.47
C THR C 30 26.15 2.51 -10.22
N ALA C 31 25.78 2.42 -11.49
CA ALA C 31 25.60 3.61 -12.31
C ALA C 31 24.61 4.59 -11.69
N GLU C 32 23.49 4.08 -11.16
CA GLU C 32 22.50 4.96 -10.54
C GLU C 32 23.07 5.65 -9.29
N ALA C 33 23.85 4.94 -8.49
CA ALA C 33 24.42 5.55 -7.29
C ALA C 33 25.37 6.69 -7.68
N TYR C 34 26.25 6.45 -8.65
CA TYR C 34 27.17 7.49 -9.11
C TYR C 34 26.42 8.66 -9.74
N ARG C 35 25.37 8.36 -10.52
CA ARG C 35 24.56 9.44 -11.09
C ARG C 35 23.95 10.31 -9.99
N TYR C 36 23.44 9.66 -8.94
CA TYR C 36 22.82 10.41 -7.85
C TYR C 36 23.84 11.24 -7.09
N ALA C 37 25.05 10.71 -6.91
CA ALA C 37 26.13 11.48 -6.30
C ALA C 37 26.44 12.73 -7.13
N ALA C 38 26.55 12.58 -8.45
CA ALA C 38 26.89 13.75 -9.28
C ALA C 38 25.80 14.79 -9.19
N LEU C 39 24.55 14.36 -9.13
CA LEU C 39 23.44 15.30 -8.98
C LEU C 39 23.54 16.06 -7.66
N LEU C 40 23.73 15.33 -6.55
CA LEU C 40 23.81 16.01 -5.26
C LEU C 40 25.03 16.91 -5.16
N ALA C 41 26.10 16.55 -5.88
CA ALA C 41 27.33 17.34 -5.80
C ALA C 41 27.13 18.74 -6.36
N LYS C 42 26.19 18.93 -7.29
CA LYS C 42 25.95 20.27 -7.82
C LYS C 42 25.49 21.23 -6.74
N VAL C 43 24.83 20.73 -5.69
CA VAL C 43 24.40 21.58 -4.58
C VAL C 43 25.31 21.41 -3.37
N ASN C 44 25.89 20.24 -3.16
CA ASN C 44 26.60 19.95 -1.92
C ASN C 44 28.10 19.89 -2.10
N GLY C 45 28.62 20.18 -3.28
CA GLY C 45 30.04 20.19 -3.50
C GLY C 45 30.56 18.84 -3.98
N GLU C 46 31.79 18.88 -4.49
CA GLU C 46 32.44 17.70 -5.09
C GLU C 46 32.32 16.48 -4.20
N TYR C 47 32.05 15.33 -4.80
CA TYR C 47 31.89 14.10 -4.05
C TYR C 47 33.11 13.21 -4.23
N THR C 48 33.32 12.34 -3.24
CA THR C 48 34.29 11.26 -3.32
C THR C 48 33.57 10.01 -2.86
N ALA C 49 33.69 8.94 -3.63
CA ALA C 49 32.98 7.69 -3.38
C ALA C 49 33.99 6.63 -2.97
N ASP C 50 33.87 6.16 -1.74
CA ASP C 50 34.71 5.07 -1.25
C ASP C 50 33.88 3.79 -1.27
N LEU C 51 34.39 2.78 -1.93
CA LEU C 51 33.64 1.54 -2.11
C LEU C 51 34.13 0.48 -1.14
N GLU C 52 33.18 -0.22 -0.54
CA GLU C 52 33.44 -1.35 0.35
C GLU C 52 32.55 -2.51 -0.05
N ASP C 53 32.91 -3.70 0.43
CA ASP C 53 32.11 -4.92 0.21
C ASP C 53 31.96 -5.22 -1.29
N GLY C 54 33.09 -5.23 -1.98
CA GLY C 54 33.10 -5.52 -3.42
C GLY C 54 32.26 -4.58 -4.26
N GLY C 55 32.08 -3.34 -3.80
CA GLY C 55 31.25 -2.37 -4.50
C GLY C 55 29.79 -2.33 -4.08
N ASN C 56 29.36 -3.18 -3.14
CA ASN C 56 27.97 -3.26 -2.71
C ASN C 56 27.62 -2.24 -1.63
N HIS C 57 28.60 -1.57 -1.05
CA HIS C 57 28.37 -0.46 -0.14
C HIS C 57 29.26 0.69 -0.56
N MET C 58 28.74 1.90 -0.47
N MET C 58 28.73 1.90 -0.49
CA MET C 58 29.49 3.09 -0.83
CA MET C 58 29.50 3.09 -0.82
C MET C 58 29.36 4.14 0.26
C MET C 58 29.37 4.12 0.29
N ASN C 59 30.48 4.77 0.60
CA ASN C 59 30.51 5.97 1.42
C ASN C 59 30.79 7.14 0.48
N ILE C 60 29.83 8.03 0.35
CA ILE C 60 29.91 9.16 -0.58
C ILE C 60 29.95 10.43 0.25
N LYS C 61 31.12 11.09 0.25
CA LYS C 61 31.35 12.34 0.97
C LYS C 61 31.28 13.52 0.02
N PHE C 62 30.61 14.58 0.45
CA PHE C 62 30.52 15.82 -0.31
C PHE C 62 31.36 16.90 0.35
N ALA C 63 32.10 17.65 -0.46
CA ALA C 63 33.10 18.59 0.05
C ALA C 63 32.49 19.88 0.59
N GLY C 64 31.24 20.18 0.25
CA GLY C 64 30.61 21.41 0.70
C GLY C 64 30.60 22.46 -0.38
N GLY D 1 -30.17 2.67 -26.34
CA GLY D 1 -29.98 3.46 -27.53
C GLY D 1 -30.04 2.63 -28.81
N SER D 2 -29.78 3.28 -29.94
CA SER D 2 -29.80 2.62 -31.24
C SER D 2 -28.41 2.19 -31.67
N TYR D 3 -28.36 1.25 -32.61
CA TYR D 3 -27.10 0.66 -33.05
C TYR D 3 -27.08 0.54 -34.57
N ASN D 4 -25.88 0.65 -35.13
CA ASN D 4 -25.67 0.34 -36.54
C ASN D 4 -25.56 -1.17 -36.71
N LYS D 5 -25.44 -1.63 -37.95
CA LYS D 5 -25.44 -3.06 -38.20
C LYS D 5 -24.14 -3.73 -37.78
N ASP D 6 -23.06 -2.96 -37.60
CA ASP D 6 -21.81 -3.53 -37.10
C ASP D 6 -21.89 -3.82 -35.61
N GLN D 7 -22.41 -2.86 -34.83
CA GLN D 7 -22.61 -3.11 -33.40
C GLN D 7 -23.57 -4.27 -33.19
N GLN D 8 -24.68 -4.29 -33.95
CA GLN D 8 -25.62 -5.40 -33.85
C GLN D 8 -24.93 -6.73 -34.14
N SER D 9 -23.96 -6.72 -35.07
CA SER D 9 -23.23 -7.94 -35.40
C SER D 9 -22.39 -8.41 -34.22
N ALA D 10 -21.75 -7.47 -33.51
CA ALA D 10 -20.91 -7.83 -32.39
C ALA D 10 -21.73 -8.41 -31.24
N PHE D 11 -22.85 -7.77 -30.91
CA PHE D 11 -23.80 -8.32 -29.95
C PHE D 11 -24.16 -9.77 -30.29
N TYR D 12 -24.61 -9.99 -31.53
CA TYR D 12 -25.03 -11.32 -31.96
CA TYR D 12 -25.04 -11.33 -31.94
C TYR D 12 -23.94 -12.37 -31.72
N GLU D 13 -22.70 -12.03 -32.08
CA GLU D 13 -21.59 -12.96 -31.91
C GLU D 13 -21.41 -13.37 -30.45
N ILE D 14 -21.40 -12.39 -29.55
CA ILE D 14 -21.22 -12.70 -28.13
C ILE D 14 -22.45 -13.40 -27.58
N LEU D 15 -23.64 -12.98 -28.01
CA LEU D 15 -24.87 -13.62 -27.54
C LEU D 15 -24.86 -15.12 -27.83
N ASN D 16 -24.26 -15.53 -28.94
CA ASN D 16 -24.31 -16.93 -29.37
C ASN D 16 -23.15 -17.78 -28.85
N MET D 17 -22.14 -17.19 -28.19
CA MET D 17 -20.99 -17.97 -27.76
C MET D 17 -21.40 -19.05 -26.77
N PRO D 18 -21.12 -20.33 -27.07
CA PRO D 18 -21.70 -21.41 -26.26
C PRO D 18 -21.01 -21.64 -24.93
N ASN D 19 -19.76 -21.23 -24.74
CA ASN D 19 -19.01 -21.61 -23.56
C ASN D 19 -18.88 -20.49 -22.53
N LEU D 20 -19.47 -19.33 -22.77
CA LEU D 20 -19.52 -18.29 -21.76
C LEU D 20 -20.65 -18.56 -20.78
N ASN D 21 -20.44 -18.23 -19.51
CA ASN D 21 -21.58 -18.20 -18.61
C ASN D 21 -22.30 -16.85 -18.75
N GLU D 22 -23.47 -16.73 -18.11
CA GLU D 22 -24.30 -15.56 -18.36
C GLU D 22 -23.71 -14.29 -17.76
N ALA D 23 -22.94 -14.40 -16.67
CA ALA D 23 -22.26 -13.22 -16.15
C ALA D 23 -21.23 -12.70 -17.15
N GLN D 24 -20.47 -13.61 -17.75
CA GLN D 24 -19.47 -13.19 -18.74
C GLN D 24 -20.14 -12.65 -19.99
N ARG D 25 -21.15 -13.36 -20.49
CA ARG D 25 -21.83 -12.91 -21.70
C ARG D 25 -22.35 -11.49 -21.54
N ASN D 26 -23.06 -11.22 -20.43
CA ASN D 26 -23.64 -9.89 -20.27
C ASN D 26 -22.59 -8.85 -19.95
N GLY D 27 -21.48 -9.25 -19.32
CA GLY D 27 -20.39 -8.32 -19.08
C GLY D 27 -19.75 -7.85 -20.36
N PHE D 28 -19.53 -8.78 -21.30
CA PHE D 28 -18.99 -8.42 -22.61
C PHE D 28 -19.99 -7.59 -23.42
N ILE D 29 -21.26 -7.97 -23.40
CA ILE D 29 -22.27 -7.15 -24.07
C ILE D 29 -22.27 -5.74 -23.51
N GLN D 30 -22.17 -5.61 -22.19
CA GLN D 30 -22.11 -4.28 -21.57
C GLN D 30 -20.91 -3.50 -22.08
N SER D 31 -19.75 -4.15 -22.22
CA SER D 31 -18.57 -3.47 -22.73
C SER D 31 -18.79 -2.94 -24.15
N LEU D 32 -19.52 -3.70 -24.98
CA LEU D 32 -19.80 -3.24 -26.35
C LEU D 32 -20.63 -1.96 -26.33
N LYS D 33 -21.60 -1.89 -25.42
CA LYS D 33 -22.39 -0.67 -25.24
C LYS D 33 -21.53 0.45 -24.68
N ASP D 34 -20.67 0.14 -23.71
CA ASP D 34 -19.86 1.15 -23.02
C ASP D 34 -19.02 1.95 -23.99
N ASP D 35 -18.27 1.26 -24.86
CA ASP D 35 -17.24 1.90 -25.67
C ASP D 35 -17.25 1.26 -27.06
N PRO D 36 -18.07 1.77 -27.97
CA PRO D 36 -18.12 1.20 -29.31
C PRO D 36 -16.78 1.16 -30.03
N SER D 37 -15.87 2.10 -29.75
CA SER D 37 -14.55 2.12 -30.38
C SER D 37 -13.74 0.88 -30.05
N GLN D 38 -14.11 0.13 -29.02
CA GLN D 38 -13.37 -1.06 -28.61
C GLN D 38 -14.03 -2.34 -29.07
N SER D 39 -14.97 -2.27 -30.01
CA SER D 39 -15.78 -3.44 -30.36
C SER D 39 -14.90 -4.61 -30.81
N THR D 40 -13.95 -4.34 -31.71
CA THR D 40 -13.08 -5.40 -32.20
C THR D 40 -12.26 -6.03 -31.08
N ASN D 41 -11.67 -5.21 -30.20
CA ASN D 41 -10.87 -5.75 -29.10
C ASN D 41 -11.74 -6.53 -28.12
N VAL D 42 -12.94 -6.02 -27.80
CA VAL D 42 -13.84 -6.71 -26.88
C VAL D 42 -14.23 -8.07 -27.44
N LEU D 43 -14.60 -8.10 -28.73
CA LEU D 43 -14.96 -9.37 -29.37
CA LEU D 43 -14.95 -9.37 -29.36
C LEU D 43 -13.80 -10.35 -29.32
N GLY D 44 -12.58 -9.88 -29.57
CA GLY D 44 -11.44 -10.78 -29.55
C GLY D 44 -11.22 -11.39 -28.18
N GLU D 45 -11.38 -10.59 -27.12
CA GLU D 45 -11.20 -11.13 -25.78
C GLU D 45 -12.36 -12.04 -25.41
N ALA D 46 -13.57 -11.74 -25.87
CA ALA D 46 -14.68 -12.66 -25.65
C ALA D 46 -14.42 -14.00 -26.32
N LYS D 47 -13.93 -13.98 -27.56
CA LYS D 47 -13.60 -15.22 -28.24
C LYS D 47 -12.53 -16.01 -27.48
N LYS D 48 -11.51 -15.31 -26.98
CA LYS D 48 -10.45 -16.01 -26.27
C LYS D 48 -11.00 -16.69 -25.02
N LEU D 49 -11.85 -16.01 -24.29
CA LEU D 49 -12.45 -16.60 -23.09
C LEU D 49 -13.34 -17.77 -23.47
N ASN D 50 -14.15 -17.60 -24.51
CA ASN D 50 -15.02 -18.67 -24.98
C ASN D 50 -14.21 -19.91 -25.34
N GLU D 51 -13.12 -19.73 -26.08
CA GLU D 51 -12.30 -20.87 -26.49
CA GLU D 51 -12.32 -20.88 -26.49
C GLU D 51 -11.65 -21.54 -25.29
N SER D 52 -11.18 -20.75 -24.32
CA SER D 52 -10.52 -21.33 -23.15
C SER D 52 -11.47 -22.12 -22.27
N GLN D 53 -12.79 -21.89 -22.40
CA GLN D 53 -13.76 -22.62 -21.60
C GLN D 53 -14.47 -23.71 -22.38
N ALA D 54 -13.96 -24.08 -23.56
CA ALA D 54 -14.55 -25.17 -24.33
C ALA D 54 -14.39 -26.50 -23.60
#